data_7LAY
#
_entry.id   7LAY
#
_cell.length_a   48.007
_cell.length_b   61.643
_cell.length_c   93.732
_cell.angle_alpha   90.000
_cell.angle_beta   90.000
_cell.angle_gamma   90.000
#
_symmetry.space_group_name_H-M   'P 21 21 21'
#
loop_
_entity.id
_entity.type
_entity.pdbx_description
1 polymer 'Bromodomain-containing protein 3'
2 non-polymer 4-[[4-[[3-(~{tert}-butylsulfonylamino)-4-chloranyl-phenyl]amino]-5-methyl-pyrimidin-2-yl]amino]-2-fluoranyl-~{N}-(1-methylpiperidin-4-yl)benzamide
3 non-polymer 1,2-ETHANEDIOL
4 non-polymer 'DIMETHYL SULFOXIDE'
5 water water
#
_entity_poly.entity_id   1
_entity_poly.type   'polypeptide(L)'
_entity_poly.pdbx_seq_one_letter_code
;SMPEVSNPSKPGRKTNQLQYMQNVVVKTLWKHQFAWPFYQPVDAIKLNLPDYHKIIKNPMDMGTIKKRLENNYYWSASEC
MQDFNTMFTNCYIYNKPTDDIVLMAQALEKIFLQKVAQMPQEE
;
_entity_poly.pdbx_strand_id   A,B
#
# COMPACT_ATOMS: atom_id res chain seq x y z
N SER A 1 -0.75 -7.06 -15.41
CA SER A 1 0.43 -7.26 -14.59
C SER A 1 0.04 -7.38 -13.11
N MET A 2 1.04 -7.68 -12.28
CA MET A 2 0.87 -7.75 -10.83
C MET A 2 1.96 -6.89 -10.20
N PRO A 3 1.63 -5.72 -9.62
CA PRO A 3 0.30 -5.10 -9.48
C PRO A 3 -0.29 -4.63 -10.81
N GLU A 4 -1.61 -4.51 -10.87
CA GLU A 4 -2.29 -4.17 -12.10
C GLU A 4 -2.07 -2.69 -12.43
N VAL A 5 -2.08 -2.37 -13.72
CA VAL A 5 -2.03 -0.99 -14.20
C VAL A 5 -3.31 -0.56 -14.87
N SER A 6 -4.31 -1.44 -14.96
N SER A 6 -4.28 -1.47 -15.03
CA SER A 6 -5.58 -1.12 -15.57
CA SER A 6 -5.58 -1.20 -15.64
C SER A 6 -6.64 -2.03 -14.96
C SER A 6 -6.61 -2.00 -14.86
N ASN A 7 -7.86 -1.50 -14.85
CA ASN A 7 -8.98 -2.22 -14.27
C ASN A 7 -10.25 -1.56 -14.77
N PRO A 8 -11.02 -2.23 -15.63
CA PRO A 8 -12.21 -1.59 -16.19
C PRO A 8 -13.30 -1.26 -15.17
N SER A 9 -13.34 -1.94 -14.03
CA SER A 9 -14.37 -1.66 -13.02
C SER A 9 -14.00 -0.51 -12.10
N LYS A 10 -12.73 -0.10 -12.07
CA LYS A 10 -12.25 0.85 -11.08
C LYS A 10 -12.32 2.25 -11.66
N PRO A 11 -13.10 3.17 -11.09
CA PRO A 11 -13.07 4.56 -11.58
C PRO A 11 -11.67 5.16 -11.47
N GLY A 12 -11.28 5.88 -12.53
CA GLY A 12 -9.98 6.54 -12.54
C GLY A 12 -10.10 7.83 -13.30
N ARG A 13 -9.15 8.73 -13.04
CA ARG A 13 -9.23 10.06 -13.63
C ARG A 13 -7.87 10.73 -13.56
N LYS A 14 -7.80 11.97 -14.02
CA LYS A 14 -6.61 12.81 -13.91
C LYS A 14 -7.03 14.18 -13.41
N THR A 15 -6.84 14.42 -12.12
CA THR A 15 -7.09 15.73 -11.53
C THR A 15 -5.81 16.56 -11.59
N ASN A 16 -5.90 17.81 -11.15
CA ASN A 16 -4.70 18.62 -11.01
C ASN A 16 -3.68 17.96 -10.10
N GLN A 17 -4.14 17.32 -9.02
CA GLN A 17 -3.19 16.66 -8.13
C GLN A 17 -2.53 15.47 -8.79
N LEU A 18 -3.29 14.67 -9.55
CA LEU A 18 -2.67 13.55 -10.24
C LEU A 18 -1.75 14.02 -11.37
N GLN A 19 -2.09 15.13 -12.04
CA GLN A 19 -1.17 15.71 -13.00
C GLN A 19 0.13 16.15 -12.31
N TYR A 20 0.03 16.73 -11.11
CA TYR A 20 1.21 17.09 -10.34
C TYR A 20 2.03 15.85 -9.98
N MET A 21 1.36 14.77 -9.55
CA MET A 21 2.10 13.55 -9.23
C MET A 21 2.87 13.06 -10.43
N GLN A 22 2.31 13.18 -11.63
CA GLN A 22 3.02 12.68 -12.80
C GLN A 22 4.12 13.64 -13.25
N ASN A 23 3.75 14.90 -13.48
CA ASN A 23 4.64 15.85 -14.14
C ASN A 23 5.67 16.43 -13.19
N VAL A 24 5.37 16.48 -11.89
CA VAL A 24 6.33 17.01 -10.92
C VAL A 24 6.98 15.87 -10.15
N VAL A 25 6.19 15.02 -9.51
CA VAL A 25 6.77 14.03 -8.59
C VAL A 25 7.49 12.93 -9.36
N VAL A 26 6.76 12.19 -10.20
CA VAL A 26 7.38 11.06 -10.89
C VAL A 26 8.46 11.54 -11.85
N LYS A 27 8.19 12.60 -12.61
CA LYS A 27 9.18 13.03 -13.60
C LYS A 27 10.47 13.52 -12.94
N THR A 28 10.35 14.26 -11.82
CA THR A 28 11.56 14.70 -11.10
C THR A 28 12.35 13.51 -10.58
N LEU A 29 11.67 12.56 -9.94
CA LEU A 29 12.38 11.39 -9.43
C LEU A 29 13.00 10.60 -10.57
N TRP A 30 12.32 10.53 -11.72
CA TRP A 30 12.84 9.73 -12.82
C TRP A 30 14.19 10.25 -13.29
N LYS A 31 14.41 11.56 -13.22
CA LYS A 31 15.67 12.17 -13.64
C LYS A 31 16.78 12.01 -12.62
N HIS A 32 16.48 11.59 -11.39
CA HIS A 32 17.48 11.53 -10.35
C HIS A 32 18.49 10.43 -10.64
N GLN A 33 19.76 10.69 -10.32
CA GLN A 33 20.83 9.74 -10.61
C GLN A 33 20.68 8.42 -9.84
N PHE A 34 19.95 8.42 -8.72
CA PHE A 34 19.76 7.23 -7.90
C PHE A 34 18.45 6.50 -8.20
N ALA A 35 17.68 6.94 -9.19
CA ALA A 35 16.35 6.39 -9.41
C ALA A 35 16.35 5.10 -10.21
N TRP A 36 17.40 4.83 -10.99
CA TRP A 36 17.35 3.71 -11.93
C TRP A 36 17.06 2.33 -11.32
N PRO A 37 17.47 1.99 -10.09
CA PRO A 37 17.11 0.67 -9.55
C PRO A 37 15.63 0.51 -9.29
N PHE A 38 14.85 1.56 -9.45
CA PHE A 38 13.42 1.56 -9.16
C PHE A 38 12.56 1.72 -10.40
N TYR A 39 13.17 1.79 -11.58
CA TYR A 39 12.38 1.96 -12.81
C TYR A 39 11.53 0.74 -13.14
N GLN A 40 11.96 -0.44 -12.73
CA GLN A 40 11.33 -1.69 -13.12
C GLN A 40 11.13 -2.53 -11.86
N PRO A 41 10.25 -3.52 -11.91
CA PRO A 41 10.12 -4.43 -10.77
C PRO A 41 11.45 -5.06 -10.42
N VAL A 42 11.65 -5.29 -9.11
CA VAL A 42 12.85 -6.00 -8.66
C VAL A 42 12.94 -7.34 -9.36
N ASP A 43 14.10 -7.61 -9.95
CA ASP A 43 14.37 -8.89 -10.57
C ASP A 43 15.18 -9.71 -9.57
N ALA A 44 14.48 -10.58 -8.83
CA ALA A 44 15.11 -11.35 -7.77
C ALA A 44 16.11 -12.36 -8.30
N ILE A 45 15.97 -12.78 -9.55
CA ILE A 45 16.94 -13.69 -10.15
C ILE A 45 18.23 -12.96 -10.51
N LYS A 46 18.12 -11.83 -11.23
CA LYS A 46 19.33 -11.11 -11.62
C LYS A 46 20.11 -10.65 -10.39
N LEU A 47 19.41 -10.27 -9.34
CA LEU A 47 20.02 -9.68 -8.16
C LEU A 47 20.39 -10.71 -7.09
N ASN A 48 20.11 -11.99 -7.29
CA ASN A 48 20.45 -13.04 -6.33
C ASN A 48 19.75 -12.83 -4.99
N LEU A 49 18.44 -12.61 -5.03
CA LEU A 49 17.63 -12.38 -3.84
C LEU A 49 16.53 -13.44 -3.81
N PRO A 50 16.88 -14.70 -3.51
CA PRO A 50 15.89 -15.78 -3.67
C PRO A 50 14.67 -15.64 -2.80
N ASP A 51 14.80 -15.00 -1.63
CA ASP A 51 13.69 -14.86 -0.72
C ASP A 51 12.92 -13.56 -0.91
N TYR A 52 13.27 -12.78 -1.93
CA TYR A 52 12.67 -11.45 -2.10
C TYR A 52 11.15 -11.50 -2.06
N HIS A 53 10.55 -12.35 -2.90
CA HIS A 53 9.09 -12.40 -2.98
C HIS A 53 8.45 -13.25 -1.90
N LYS A 54 9.24 -13.87 -1.02
CA LYS A 54 8.68 -14.48 0.17
C LYS A 54 8.51 -13.45 1.27
N ILE A 55 9.35 -12.42 1.28
CA ILE A 55 9.29 -11.37 2.28
C ILE A 55 8.40 -10.22 1.81
N ILE A 56 8.52 -9.85 0.54
CA ILE A 56 7.84 -8.69 -0.03
C ILE A 56 6.59 -9.20 -0.76
N LYS A 57 5.42 -8.93 -0.19
CA LYS A 57 4.18 -9.44 -0.72
C LYS A 57 3.42 -8.42 -1.57
N ASN A 58 3.74 -7.13 -1.43
CA ASN A 58 3.14 -6.07 -2.24
C ASN A 58 4.26 -5.38 -3.01
N PRO A 59 4.75 -5.97 -4.09
CA PRO A 59 5.82 -5.32 -4.85
C PRO A 59 5.33 -4.03 -5.50
N MET A 60 6.26 -3.08 -5.67
CA MET A 60 5.93 -1.83 -6.33
C MET A 60 7.19 -1.20 -6.88
N ASP A 61 7.06 -0.54 -8.02
CA ASP A 61 8.18 0.12 -8.69
C ASP A 61 7.66 1.36 -9.41
N MET A 62 8.60 2.23 -9.80
N MET A 62 8.60 2.23 -9.81
CA MET A 62 8.20 3.49 -10.44
CA MET A 62 8.21 3.48 -10.45
C MET A 62 7.64 3.27 -11.84
C MET A 62 7.64 3.28 -11.84
N GLY A 63 8.05 2.21 -12.54
CA GLY A 63 7.48 1.95 -13.86
C GLY A 63 6.00 1.64 -13.77
N THR A 64 5.61 0.89 -12.74
CA THR A 64 4.20 0.61 -12.50
C THR A 64 3.44 1.89 -12.19
N ILE A 65 4.04 2.76 -11.37
CA ILE A 65 3.40 4.02 -11.01
C ILE A 65 3.20 4.89 -12.25
N LYS A 66 4.23 4.96 -13.09
CA LYS A 66 4.12 5.73 -14.33
C LYS A 66 2.97 5.22 -15.18
N LYS A 67 2.86 3.90 -15.33
CA LYS A 67 1.77 3.35 -16.15
C LYS A 67 0.41 3.61 -15.53
N ARG A 68 0.29 3.50 -14.20
CA ARG A 68 -0.98 3.83 -13.57
C ARG A 68 -1.39 5.27 -13.89
N LEU A 69 -0.44 6.21 -13.84
CA LEU A 69 -0.77 7.59 -14.16
C LEU A 69 -1.13 7.74 -15.64
N GLU A 70 -0.40 7.06 -16.52
CA GLU A 70 -0.69 7.15 -17.95
C GLU A 70 -2.06 6.55 -18.28
N ASN A 71 -2.53 5.60 -17.49
CA ASN A 71 -3.78 4.92 -17.73
C ASN A 71 -4.95 5.55 -17.00
N ASN A 72 -4.73 6.64 -16.27
CA ASN A 72 -5.75 7.21 -15.38
C ASN A 72 -6.34 6.12 -14.49
N TYR A 73 -5.45 5.32 -13.92
CA TYR A 73 -5.85 4.22 -13.06
C TYR A 73 -6.29 4.71 -11.68
N TYR A 74 -5.65 5.75 -11.17
CA TYR A 74 -5.95 6.28 -9.85
C TYR A 74 -7.15 7.22 -9.90
N TRP A 75 -7.91 7.23 -8.79
CA TRP A 75 -8.89 8.27 -8.56
C TRP A 75 -8.32 9.41 -7.73
N SER A 76 -7.44 9.11 -6.78
CA SER A 76 -6.92 10.08 -5.84
C SER A 76 -5.41 10.06 -5.86
N ALA A 77 -4.79 11.24 -5.70
CA ALA A 77 -3.35 11.29 -5.54
C ALA A 77 -2.89 10.52 -4.31
N SER A 78 -3.77 10.31 -3.33
CA SER A 78 -3.41 9.50 -2.18
C SER A 78 -3.01 8.08 -2.58
N GLU A 79 -3.60 7.54 -3.64
CA GLU A 79 -3.23 6.19 -4.09
C GLU A 79 -1.83 6.18 -4.68
N CYS A 80 -1.46 7.25 -5.38
CA CYS A 80 -0.12 7.33 -5.93
C CYS A 80 0.91 7.45 -4.81
N MET A 81 0.58 8.25 -3.79
CA MET A 81 1.44 8.32 -2.61
C MET A 81 1.59 6.96 -1.95
N GLN A 82 0.48 6.20 -1.83
CA GLN A 82 0.56 4.85 -1.29
C GLN A 82 1.57 4.01 -2.05
N ASP A 83 1.52 4.05 -3.38
CA ASP A 83 2.44 3.23 -4.17
C ASP A 83 3.88 3.63 -3.91
N PHE A 84 4.18 4.94 -3.85
CA PHE A 84 5.53 5.34 -3.52
C PHE A 84 5.94 4.83 -2.15
N ASN A 85 5.05 4.97 -1.16
CA ASN A 85 5.39 4.51 0.18
C ASN A 85 5.58 2.99 0.23
N THR A 86 4.80 2.25 -0.55
CA THR A 86 5.04 0.80 -0.62
C THR A 86 6.41 0.52 -1.18
N MET A 87 6.79 1.22 -2.25
CA MET A 87 8.11 1.01 -2.85
C MET A 87 9.23 1.29 -1.85
N PHE A 88 9.15 2.42 -1.14
CA PHE A 88 10.19 2.76 -0.17
C PHE A 88 10.20 1.77 0.99
N THR A 89 9.02 1.52 1.57
CA THR A 89 8.94 0.58 2.70
C THR A 89 9.46 -0.80 2.31
N ASN A 90 9.14 -1.26 1.11
CA ASN A 90 9.67 -2.56 0.66
C ASN A 90 11.19 -2.55 0.68
N CYS A 91 11.79 -1.44 0.28
CA CYS A 91 13.25 -1.35 0.26
C CYS A 91 13.81 -1.43 1.67
N TYR A 92 13.18 -0.72 2.60
CA TYR A 92 13.67 -0.67 3.97
C TYR A 92 13.44 -2.00 4.70
N ILE A 93 12.35 -2.69 4.38
CA ILE A 93 12.08 -3.99 5.01
C ILE A 93 13.09 -5.03 4.55
N TYR A 94 13.30 -5.12 3.25
CA TYR A 94 14.07 -6.24 2.73
C TYR A 94 15.56 -6.10 3.00
N ASN A 95 16.08 -4.89 2.94
CA ASN A 95 17.52 -4.68 2.90
C ASN A 95 18.09 -4.25 4.24
N LYS A 96 19.41 -4.37 4.34
CA LYS A 96 20.10 -3.91 5.53
C LYS A 96 20.23 -2.39 5.50
N PRO A 97 20.23 -1.74 6.66
CA PRO A 97 20.34 -0.27 6.69
C PRO A 97 21.59 0.26 6.02
N THR A 98 22.65 -0.54 5.92
CA THR A 98 23.90 -0.12 5.30
C THR A 98 23.94 -0.36 3.79
N ASP A 99 23.01 -1.12 3.23
CA ASP A 99 23.05 -1.38 1.80
C ASP A 99 22.87 -0.08 1.02
N ASP A 100 23.64 0.07 -0.06
CA ASP A 100 23.57 1.28 -0.87
C ASP A 100 22.15 1.53 -1.37
N ILE A 101 21.41 0.46 -1.70
CA ILE A 101 20.06 0.64 -2.22
C ILE A 101 19.19 1.40 -1.22
N VAL A 102 19.42 1.20 0.08
CA VAL A 102 18.62 1.89 1.10
C VAL A 102 18.90 3.38 1.09
N LEU A 103 20.18 3.76 0.98
N LEU A 103 20.19 3.75 0.99
CA LEU A 103 20.53 5.17 0.91
CA LEU A 103 20.53 5.18 0.90
C LEU A 103 20.02 5.82 -0.38
C LEU A 103 19.96 5.80 -0.37
N MET A 104 19.96 5.06 -1.47
CA MET A 104 19.37 5.58 -2.70
C MET A 104 17.87 5.82 -2.52
N ALA A 105 17.17 4.86 -1.92
CA ALA A 105 15.74 5.03 -1.65
C ALA A 105 15.49 6.22 -0.73
N GLN A 106 16.33 6.41 0.29
CA GLN A 106 16.15 7.52 1.21
C GLN A 106 16.29 8.86 0.49
N ALA A 107 17.22 8.95 -0.45
CA ALA A 107 17.39 10.19 -1.21
C ALA A 107 16.14 10.48 -2.04
N LEU A 108 15.60 9.47 -2.71
CA LEU A 108 14.39 9.68 -3.51
C LEU A 108 13.21 10.01 -2.63
N GLU A 109 13.11 9.35 -1.48
CA GLU A 109 11.98 9.60 -0.58
C GLU A 109 11.99 11.03 -0.08
N LYS A 110 13.16 11.59 0.19
CA LYS A 110 13.22 12.97 0.64
C LYS A 110 12.67 13.93 -0.42
N ILE A 111 12.97 13.67 -1.69
CA ILE A 111 12.42 14.50 -2.76
C ILE A 111 10.92 14.25 -2.92
N PHE A 112 10.50 12.99 -2.86
CA PHE A 112 9.07 12.67 -2.88
C PHE A 112 8.32 13.45 -1.80
N LEU A 113 8.86 13.43 -0.57
CA LEU A 113 8.17 14.08 0.54
C LEU A 113 8.12 15.58 0.35
N GLN A 114 9.21 16.18 -0.14
CA GLN A 114 9.24 17.61 -0.38
C GLN A 114 8.23 18.02 -1.43
N LYS A 115 8.18 17.28 -2.55
CA LYS A 115 7.22 17.64 -3.60
C LYS A 115 5.78 17.42 -3.16
N VAL A 116 5.50 16.33 -2.45
CA VAL A 116 4.15 16.11 -1.95
C VAL A 116 3.73 17.22 -0.99
N ALA A 117 4.66 17.70 -0.15
CA ALA A 117 4.33 18.77 0.79
C ALA A 117 3.97 20.06 0.08
N GLN A 118 4.40 20.23 -1.17
CA GLN A 118 4.11 21.42 -1.95
C GLN A 118 2.99 21.21 -2.97
N MET A 119 2.33 20.09 -2.94
CA MET A 119 1.29 19.83 -3.93
C MET A 119 0.10 20.76 -3.69
N PRO A 120 -0.46 21.37 -4.72
CA PRO A 120 -1.58 22.29 -4.52
C PRO A 120 -2.85 21.56 -4.12
N GLN A 121 -3.76 22.34 -3.54
CA GLN A 121 -5.12 21.90 -3.22
C GLN A 121 -5.16 20.97 -2.02
N GLY B 12 -7.05 -28.91 9.34
CA GLY B 12 -7.28 -27.62 9.97
C GLY B 12 -7.31 -26.46 8.99
N ARG B 13 -8.51 -25.87 8.84
CA ARG B 13 -8.67 -24.77 7.90
C ARG B 13 -7.85 -23.55 8.31
N LYS B 14 -7.75 -23.30 9.61
CA LYS B 14 -7.03 -22.14 10.12
C LYS B 14 -5.53 -22.43 10.15
N THR B 15 -4.82 -22.01 9.11
CA THR B 15 -3.41 -22.29 8.99
C THR B 15 -2.61 -21.49 10.02
N ASN B 16 -1.35 -21.89 10.21
CA ASN B 16 -0.46 -21.13 11.08
C ASN B 16 -0.28 -19.70 10.58
N GLN B 17 -0.28 -19.49 9.26
CA GLN B 17 -0.17 -18.13 8.75
C GLN B 17 -1.41 -17.31 9.09
N LEU B 18 -2.59 -17.92 9.03
CA LEU B 18 -3.79 -17.21 9.42
C LEU B 18 -3.77 -16.92 10.91
N GLN B 19 -3.24 -17.84 11.72
CA GLN B 19 -3.10 -17.58 13.15
C GLN B 19 -2.17 -16.39 13.39
N TYR B 20 -1.10 -16.28 12.60
CA TYR B 20 -0.21 -15.13 12.69
C TYR B 20 -0.93 -13.84 12.30
N MET B 21 -1.76 -13.88 11.26
CA MET B 21 -2.54 -12.69 10.92
C MET B 21 -3.41 -12.25 12.10
N GLN B 22 -3.99 -13.21 12.81
CA GLN B 22 -4.89 -12.88 13.92
C GLN B 22 -4.11 -12.43 15.15
N ASN B 23 -3.09 -13.20 15.54
CA ASN B 23 -2.46 -13.00 16.84
C ASN B 23 -1.31 -12.01 16.80
N VAL B 24 -0.80 -11.67 15.62
CA VAL B 24 0.30 -10.72 15.52
C VAL B 24 -0.11 -9.50 14.72
N VAL B 25 -0.60 -9.70 13.49
CA VAL B 25 -0.86 -8.55 12.64
C VAL B 25 -2.04 -7.74 13.17
N VAL B 26 -3.20 -8.38 13.35
CA VAL B 26 -4.37 -7.66 13.86
C VAL B 26 -4.10 -7.11 15.25
N LYS B 27 -3.51 -7.92 16.13
CA LYS B 27 -3.27 -7.47 17.50
C LYS B 27 -2.34 -6.26 17.53
N THR B 28 -1.28 -6.27 16.72
CA THR B 28 -0.36 -5.13 16.70
C THR B 28 -1.06 -3.88 16.17
N LEU B 29 -1.82 -4.02 15.10
CA LEU B 29 -2.47 -2.84 14.53
C LEU B 29 -3.57 -2.31 15.44
N TRP B 30 -4.33 -3.21 16.07
CA TRP B 30 -5.49 -2.77 16.86
C TRP B 30 -5.06 -1.84 17.99
N LYS B 31 -3.90 -2.08 18.58
CA LYS B 31 -3.48 -1.29 19.72
C LYS B 31 -2.92 0.07 19.33
N HIS B 32 -2.67 0.29 18.04
CA HIS B 32 -2.11 1.57 17.61
C HIS B 32 -3.14 2.68 17.77
N GLN B 33 -2.67 3.85 18.20
CA GLN B 33 -3.59 4.96 18.45
C GLN B 33 -4.31 5.44 17.20
N PHE B 34 -3.82 5.12 16.00
CA PHE B 34 -4.50 5.54 14.78
C PHE B 34 -5.45 4.51 14.22
N ALA B 35 -5.63 3.37 14.90
CA ALA B 35 -6.35 2.26 14.30
C ALA B 35 -7.86 2.39 14.42
N TRP B 36 -8.35 3.15 15.40
CA TRP B 36 -9.77 3.13 15.71
C TRP B 36 -10.71 3.49 14.56
N PRO B 37 -10.39 4.36 13.61
CA PRO B 37 -11.33 4.60 12.50
C PRO B 37 -11.57 3.39 11.65
N PHE B 38 -10.75 2.34 11.80
CA PHE B 38 -10.83 1.14 10.99
C PHE B 38 -11.43 -0.04 11.75
N TYR B 39 -11.93 0.19 12.97
CA TYR B 39 -12.49 -0.90 13.76
C TYR B 39 -13.84 -1.40 13.22
N GLN B 40 -14.58 -0.57 12.49
CA GLN B 40 -15.92 -0.90 12.05
C GLN B 40 -16.09 -0.39 10.63
N PRO B 41 -17.10 -0.89 9.91
CA PRO B 41 -17.34 -0.38 8.55
C PRO B 41 -17.56 1.12 8.55
N VAL B 42 -17.11 1.77 7.47
CA VAL B 42 -17.35 3.19 7.29
C VAL B 42 -18.85 3.45 7.29
N ASP B 43 -19.28 4.42 8.09
CA ASP B 43 -20.66 4.89 8.10
C ASP B 43 -20.67 6.19 7.30
N ALA B 44 -21.05 6.09 6.03
CA ALA B 44 -20.93 7.23 5.13
C ALA B 44 -21.93 8.33 5.45
N ILE B 45 -23.11 7.98 5.96
CA ILE B 45 -24.06 9.02 6.35
C ILE B 45 -23.55 9.78 7.56
N LYS B 46 -23.09 9.04 8.59
CA LYS B 46 -22.61 9.72 9.80
C LYS B 46 -21.42 10.61 9.49
N LEU B 47 -20.52 10.14 8.64
CA LEU B 47 -19.29 10.85 8.32
C LEU B 47 -19.47 11.87 7.20
N ASN B 48 -20.67 11.98 6.62
CA ASN B 48 -20.93 12.94 5.55
C ASN B 48 -20.00 12.73 4.35
N LEU B 49 -19.97 11.49 3.85
CA LEU B 49 -19.12 11.10 2.74
C LEU B 49 -19.99 10.81 1.52
N PRO B 50 -20.25 11.81 0.68
CA PRO B 50 -21.17 11.59 -0.45
C PRO B 50 -20.66 10.52 -1.40
N ASP B 51 -21.58 9.65 -1.81
CA ASP B 51 -21.34 8.65 -2.84
C ASP B 51 -20.25 7.65 -2.48
N TYR B 52 -19.97 7.51 -1.18
CA TYR B 52 -18.95 6.56 -0.73
C TYR B 52 -19.17 5.18 -1.32
N HIS B 53 -20.40 4.68 -1.27
CA HIS B 53 -20.67 3.30 -1.66
C HIS B 53 -20.74 3.13 -3.17
N LYS B 54 -20.78 4.22 -3.94
CA LYS B 54 -20.69 4.08 -5.39
C LYS B 54 -19.24 3.89 -5.83
N ILE B 55 -18.30 4.61 -5.21
CA ILE B 55 -16.91 4.46 -5.60
C ILE B 55 -16.23 3.31 -4.85
N ILE B 56 -16.61 3.06 -3.60
CA ILE B 56 -16.05 1.95 -2.83
C ILE B 56 -17.04 0.81 -2.93
N LYS B 57 -16.83 -0.04 -3.93
CA LYS B 57 -17.72 -1.16 -4.17
C LYS B 57 -17.41 -2.36 -3.28
N ASN B 58 -16.20 -2.43 -2.72
CA ASN B 58 -15.80 -3.52 -1.84
C ASN B 58 -15.36 -2.95 -0.51
N PRO B 59 -16.30 -2.54 0.35
CA PRO B 59 -15.90 -1.98 1.63
C PRO B 59 -15.22 -3.03 2.51
N MET B 60 -14.29 -2.56 3.33
CA MET B 60 -13.57 -3.46 4.23
C MET B 60 -13.03 -2.67 5.41
N ASP B 61 -12.96 -3.34 6.56
CA ASP B 61 -12.47 -2.72 7.78
C ASP B 61 -11.81 -3.80 8.62
N MET B 62 -11.05 -3.36 9.63
CA MET B 62 -10.29 -4.32 10.43
C MET B 62 -11.16 -5.11 11.40
N GLY B 63 -12.30 -4.56 11.84
CA GLY B 63 -13.20 -5.37 12.65
C GLY B 63 -13.75 -6.54 11.89
N THR B 64 -14.09 -6.33 10.62
CA THR B 64 -14.57 -7.42 9.79
C THR B 64 -13.49 -8.47 9.58
N ILE B 65 -12.25 -8.02 9.32
CA ILE B 65 -11.13 -8.95 9.18
C ILE B 65 -10.94 -9.77 10.44
N LYS B 66 -10.94 -9.10 11.60
CA LYS B 66 -10.74 -9.81 12.87
C LYS B 66 -11.83 -10.86 13.07
N LYS B 67 -13.09 -10.51 12.79
CA LYS B 67 -14.17 -11.47 12.93
C LYS B 67 -14.01 -12.64 11.96
N ARG B 68 -13.57 -12.35 10.72
CA ARG B 68 -13.34 -13.42 9.76
C ARG B 68 -12.26 -14.38 10.25
N LEU B 69 -11.19 -13.85 10.84
CA LEU B 69 -10.16 -14.72 11.43
C LEU B 69 -10.73 -15.55 12.58
N GLU B 70 -11.48 -14.91 13.48
CA GLU B 70 -12.03 -15.62 14.63
C GLU B 70 -13.05 -16.68 14.23
N ASN B 71 -13.74 -16.48 13.10
CA ASN B 71 -14.80 -17.38 12.68
C ASN B 71 -14.37 -18.33 11.57
N ASN B 72 -13.07 -18.50 11.35
CA ASN B 72 -12.55 -19.54 10.45
C ASN B 72 -13.01 -19.31 9.01
N TYR B 73 -13.17 -18.04 8.62
CA TYR B 73 -13.73 -17.68 7.32
C TYR B 73 -12.74 -17.90 6.18
N TYR B 74 -11.47 -17.56 6.40
CA TYR B 74 -10.50 -17.56 5.32
C TYR B 74 -9.97 -18.97 5.05
N TRP B 75 -9.67 -19.23 3.79
CA TRP B 75 -9.05 -20.49 3.39
C TRP B 75 -7.54 -20.39 3.31
N SER B 76 -7.00 -19.18 3.16
CA SER B 76 -5.55 -18.99 3.06
CA SER B 76 -5.56 -19.00 3.10
C SER B 76 -5.22 -17.58 3.53
N ALA B 77 -3.97 -17.40 3.98
CA ALA B 77 -3.56 -16.10 4.49
C ALA B 77 -3.62 -15.01 3.42
N SER B 78 -3.43 -15.37 2.15
CA SER B 78 -3.47 -14.37 1.10
C SER B 78 -4.85 -13.72 1.00
N GLU B 79 -5.91 -14.45 1.34
CA GLU B 79 -7.26 -13.87 1.31
C GLU B 79 -7.39 -12.80 2.40
N CYS B 80 -6.78 -13.04 3.55
CA CYS B 80 -6.76 -12.04 4.61
C CYS B 80 -5.92 -10.84 4.20
N MET B 81 -4.72 -11.09 3.65
N MET B 81 -4.75 -11.07 3.61
CA MET B 81 -3.90 -10.05 3.07
CA MET B 81 -3.95 -9.92 3.17
C MET B 81 -4.72 -9.16 2.14
C MET B 81 -4.64 -9.14 2.06
N GLN B 82 -5.45 -9.78 1.23
CA GLN B 82 -6.23 -9.04 0.25
C GLN B 82 -7.22 -8.11 0.93
N ASP B 83 -7.89 -8.58 1.99
CA ASP B 83 -8.84 -7.73 2.70
C ASP B 83 -8.14 -6.53 3.32
N PHE B 84 -6.96 -6.73 3.90
CA PHE B 84 -6.22 -5.60 4.46
C PHE B 84 -5.85 -4.61 3.36
N ASN B 85 -5.35 -5.12 2.23
CA ASN B 85 -4.98 -4.23 1.13
C ASN B 85 -6.20 -3.46 0.63
N THR B 86 -7.36 -4.12 0.57
CA THR B 86 -8.58 -3.42 0.17
C THR B 86 -8.93 -2.31 1.15
N MET B 87 -8.84 -2.60 2.46
CA MET B 87 -9.14 -1.59 3.46
C MET B 87 -8.28 -0.35 3.26
N PHE B 88 -6.96 -0.54 3.12
CA PHE B 88 -6.07 0.61 2.97
C PHE B 88 -6.35 1.34 1.66
N THR B 89 -6.39 0.60 0.55
CA THR B 89 -6.60 1.26 -0.73
C THR B 89 -7.92 2.01 -0.78
N ASN B 90 -8.98 1.44 -0.18
CA ASN B 90 -10.26 2.15 -0.11
C ASN B 90 -10.12 3.50 0.57
N CYS B 91 -9.27 3.59 1.58
CA CYS B 91 -9.06 4.87 2.26
C CYS B 91 -8.41 5.87 1.32
N TYR B 92 -7.41 5.43 0.54
CA TYR B 92 -6.72 6.36 -0.34
C TYR B 92 -7.56 6.72 -1.56
N ILE B 93 -8.40 5.81 -2.05
CA ILE B 93 -9.26 6.13 -3.19
C ILE B 93 -10.18 7.30 -2.85
N TYR B 94 -10.79 7.26 -1.66
CA TYR B 94 -11.87 8.21 -1.38
C TYR B 94 -11.36 9.56 -0.91
N ASN B 95 -10.21 9.60 -0.25
CA ASN B 95 -9.81 10.76 0.54
C ASN B 95 -8.63 11.49 -0.06
N LYS B 96 -8.52 12.76 0.31
CA LYS B 96 -7.51 13.69 -0.18
C LYS B 96 -6.18 13.48 0.53
N PRO B 97 -5.07 13.78 -0.14
CA PRO B 97 -3.74 13.61 0.48
C PRO B 97 -3.59 14.31 1.83
N THR B 98 -4.26 15.43 2.04
CA THR B 98 -4.13 16.18 3.28
C THR B 98 -5.12 15.76 4.36
N ASP B 99 -6.05 14.85 4.08
CA ASP B 99 -7.01 14.45 5.09
C ASP B 99 -6.30 13.65 6.17
N ASP B 100 -6.67 13.93 7.43
CA ASP B 100 -6.05 13.23 8.55
C ASP B 100 -6.21 11.72 8.44
N ILE B 101 -7.34 11.24 7.91
CA ILE B 101 -7.55 9.80 7.79
C ILE B 101 -6.48 9.16 6.91
N VAL B 102 -6.02 9.87 5.89
CA VAL B 102 -4.97 9.34 5.00
C VAL B 102 -3.64 9.25 5.75
N LEU B 103 -3.32 10.28 6.52
CA LEU B 103 -2.10 10.23 7.34
C LEU B 103 -2.15 9.08 8.33
N MET B 104 -3.32 8.85 8.93
CA MET B 104 -3.47 7.74 9.86
C MET B 104 -3.30 6.40 9.16
N ALA B 105 -3.97 6.22 8.02
CA ALA B 105 -3.84 4.99 7.27
C ALA B 105 -2.39 4.72 6.87
N GLN B 106 -1.65 5.78 6.48
CA GLN B 106 -0.28 5.57 6.04
C GLN B 106 0.57 5.03 7.18
N ALA B 107 0.39 5.56 8.39
CA ALA B 107 1.19 5.10 9.51
C ALA B 107 0.86 3.66 9.84
N LEU B 108 -0.42 3.29 9.77
CA LEU B 108 -0.83 1.92 10.03
C LEU B 108 -0.30 0.99 8.95
N GLU B 109 -0.36 1.43 7.70
CA GLU B 109 0.04 0.54 6.60
C GLU B 109 1.52 0.19 6.69
N LYS B 110 2.36 1.14 7.13
CA LYS B 110 3.77 0.83 7.30
C LYS B 110 3.96 -0.31 8.28
N ILE B 111 3.23 -0.27 9.40
CA ILE B 111 3.34 -1.34 10.39
C ILE B 111 2.81 -2.64 9.84
N PHE B 112 1.67 -2.57 9.15
CA PHE B 112 1.11 -3.76 8.48
C PHE B 112 2.15 -4.43 7.59
N LEU B 113 2.81 -3.65 6.73
CA LEU B 113 3.78 -4.24 5.81
C LEU B 113 4.94 -4.85 6.58
N GLN B 114 5.41 -4.17 7.62
CA GLN B 114 6.52 -4.69 8.42
C GLN B 114 6.16 -6.03 9.03
N LYS B 115 4.92 -6.16 9.53
CA LYS B 115 4.51 -7.40 10.18
C LYS B 115 4.25 -8.52 9.18
N VAL B 116 3.62 -8.20 8.05
N VAL B 116 3.62 -8.23 8.04
CA VAL B 116 3.34 -9.22 7.05
CA VAL B 116 3.36 -9.32 7.10
C VAL B 116 4.63 -9.78 6.46
C VAL B 116 4.66 -9.81 6.47
N ALA B 117 5.67 -8.95 6.36
CA ALA B 117 6.96 -9.40 5.87
C ALA B 117 7.57 -10.47 6.77
N GLN B 118 7.14 -10.55 8.02
CA GLN B 118 7.65 -11.53 8.97
C GLN B 118 6.75 -12.74 9.13
N MET B 119 5.76 -12.89 8.26
CA MET B 119 4.85 -14.04 8.32
C MET B 119 5.64 -15.34 8.22
N PRO B 120 5.32 -16.33 9.04
CA PRO B 120 6.06 -17.60 8.99
C PRO B 120 5.68 -18.43 7.77
N GLN B 121 6.57 -19.35 7.45
CA GLN B 121 6.24 -20.36 6.45
C GLN B 121 5.27 -21.37 7.07
N GLU B 122 4.36 -21.87 6.24
CA GLU B 122 3.47 -22.94 6.67
C GLU B 122 4.24 -24.25 6.64
N GLU B 123 4.13 -25.04 7.71
CA GLU B 123 4.91 -26.28 7.81
C GLU B 123 4.08 -27.49 7.43
#